data_9MQS
#
_entry.id   9MQS
#
loop_
_entity.id
_entity.type
_entity.pdbx_description
1 polymer 'RNA (332-MER)'
2 non-polymer 'CALCIUM ION'
3 non-polymer 'POTASSIUM ION'
4 non-polymer "GUANOSINE-5'-MONOPHOSPHATE"
5 water water
#
_entity_poly.entity_id   1
_entity_poly.type   'polyribonucleotide'
_entity_poly.pdbx_seq_one_letter_code
;CGCUAGGGAUAAACUGUUUGUCCCUUUAUAUAGAGAUAUAUAGAAUAACAAUCGGGUGAAUUGCAAGAAUACCACCCACC
UCCUUUGGAGGUGGGUGACAAUUUGCAGCGAAGUAUAUAUUAGCUUAAUAAUAAAAUAUUAUUUAGAUAUAUAAACGUUC
AACGACUAGAAGGUGAGUAAGCUAACAAUAACCCUUCCACGAGCGCCCGACAUCUUAAUGAACCAACAAUUACAAUUAAU
UAAAGGUCAUUAUGAUGAUGACAUAGUCUGAACUAAAUAGUGAUAUUUAGAUAUAAUAUUUAAAUGAUAUUAUGAUAACA
AAAUUGAACAGG
;
_entity_poly.pdbx_strand_id   A
#